data_3IKP
#
_entry.id   3IKP
#
_cell.length_a   55.450
_cell.length_b   107.720
_cell.length_c   55.670
_cell.angle_alpha   90.000
_cell.angle_beta   91.230
_cell.angle_gamma   90.000
#
_symmetry.space_group_name_H-M   'P 1 21 1'
#
loop_
_entity.id
_entity.type
_entity.pdbx_description
1 polymer 'Pulmonary surfactant-associated protein D'
2 non-polymer 'CALCIUM ION'
3 non-polymer D-MYO-INOSITOL-1-PHOSPHATE
4 water water
#
_entity_poly.entity_id   1
_entity_poly.type   'polypeptide(L)'
_entity_poly.pdbx_seq_one_letter_code
;GSPGLKGDKGIPGDKGAKGESGLPDVASLRQQVEALQGQVQHLQAAFSQYKKVELFPNGQSVGEKIFKTAGFVKPFTEAQ
LLCTQAGGQLASPRSAAENAALQQLVVAKNEAAFLSMTDSKTEGKFTYPTGESLVYSNWAPGEPNDDGGSEDCVEIFTNG
KWNDRACGEKRLVVCEF
;
_entity_poly.pdbx_strand_id   A,B,C
#
# COMPACT_ATOMS: atom_id res chain seq x y z
N ALA A 27 40.13 -16.47 8.07
CA ALA A 27 40.46 -15.23 7.31
C ALA A 27 39.39 -14.92 6.27
N SER A 28 39.32 -15.76 5.23
CA SER A 28 38.35 -15.56 4.17
C SER A 28 36.94 -15.71 4.71
N LEU A 29 36.78 -16.57 5.71
CA LEU A 29 35.48 -16.81 6.33
C LEU A 29 35.01 -15.54 7.05
N ARG A 30 35.90 -14.96 7.86
CA ARG A 30 35.59 -13.75 8.60
C ARG A 30 35.19 -12.60 7.67
N GLN A 31 35.99 -12.40 6.62
CA GLN A 31 35.70 -11.35 5.65
C GLN A 31 34.41 -11.64 4.91
N GLN A 32 34.14 -12.93 4.71
CA GLN A 32 32.92 -13.36 4.03
C GLN A 32 31.72 -13.08 4.92
N VAL A 33 31.94 -13.18 6.24
CA VAL A 33 30.89 -12.93 7.21
C VAL A 33 30.65 -11.45 7.39
N GLU A 34 31.73 -10.67 7.35
CA GLU A 34 31.62 -9.23 7.51
C GLU A 34 30.95 -8.60 6.30
N ALA A 35 31.19 -9.19 5.13
CA ALA A 35 30.59 -8.69 3.89
C ALA A 35 29.11 -9.05 3.89
N LEU A 36 28.80 -10.24 4.36
CA LEU A 36 27.43 -10.70 4.42
C LEU A 36 26.62 -9.83 5.37
N GLN A 37 27.26 -9.43 6.48
CA GLN A 37 26.58 -8.60 7.46
C GLN A 37 26.35 -7.19 6.93
N GLY A 38 27.23 -6.76 6.03
CA GLY A 38 27.08 -5.43 5.45
C GLY A 38 25.83 -5.43 4.60
N GLN A 39 25.63 -6.51 3.85
CA GLN A 39 24.45 -6.65 3.01
C GLN A 39 23.20 -6.75 3.88
N VAL A 40 23.30 -7.51 4.98
CA VAL A 40 22.17 -7.67 5.88
C VAL A 40 21.78 -6.36 6.54
N GLN A 41 22.76 -5.57 6.96
CA GLN A 41 22.42 -4.31 7.60
C GLN A 41 21.89 -3.32 6.58
N HIS A 42 22.32 -3.43 5.33
CA HIS A 42 21.81 -2.55 4.28
C HIS A 42 20.36 -2.95 4.02
N LEU A 43 20.10 -4.26 4.09
CA LEU A 43 18.75 -4.78 3.87
C LEU A 43 17.86 -4.33 5.03
N GLN A 44 18.40 -4.36 6.25
CA GLN A 44 17.64 -3.94 7.42
C GLN A 44 17.22 -2.47 7.28
N ALA A 45 18.13 -1.65 6.75
CA ALA A 45 17.85 -0.23 6.57
C ALA A 45 16.78 -0.01 5.49
N ALA A 46 16.90 -0.73 4.39
CA ALA A 46 15.93 -0.59 3.29
C ALA A 46 14.55 -1.04 3.75
N PHE A 47 14.52 -2.16 4.47
CA PHE A 47 13.27 -2.72 4.96
C PHE A 47 12.59 -1.76 5.95
N SER A 48 13.38 -1.15 6.83
CA SER A 48 12.83 -0.20 7.79
C SER A 48 12.16 0.96 7.09
N GLN A 49 12.78 1.44 6.01
CA GLN A 49 12.22 2.55 5.26
C GLN A 49 10.93 2.12 4.58
N TYR A 50 10.95 0.97 3.92
CA TYR A 50 9.76 0.49 3.25
C TYR A 50 8.61 0.13 4.18
N LYS A 51 8.92 -0.23 5.43
CA LYS A 51 7.83 -0.55 6.36
C LYS A 51 7.05 0.73 6.68
N LYS A 52 7.76 1.83 6.90
CA LYS A 52 7.10 3.10 7.19
C LYS A 52 6.26 3.53 6.00
N VAL A 53 6.83 3.38 4.80
CA VAL A 53 6.13 3.73 3.58
C VAL A 53 4.86 2.91 3.45
N GLU A 54 4.96 1.60 3.69
CA GLU A 54 3.80 0.73 3.59
C GLU A 54 2.66 1.13 4.51
N LEU A 55 2.97 1.46 5.76
CA LEU A 55 1.95 1.81 6.73
C LEU A 55 1.24 3.14 6.48
N PHE A 56 1.81 3.98 5.63
CA PHE A 56 1.20 5.26 5.32
C PHE A 56 0.27 5.11 4.11
N PRO A 57 -1.00 5.50 4.24
CA PRO A 57 -1.68 6.07 5.41
C PRO A 57 -2.72 5.15 6.03
N ASN A 58 -2.76 3.90 5.58
CA ASN A 58 -3.78 2.98 6.07
C ASN A 58 -3.40 1.94 7.12
N GLY A 59 -2.19 2.03 7.65
CA GLY A 59 -1.78 1.06 8.65
C GLY A 59 -1.25 1.68 9.92
N GLN A 60 -1.17 0.86 10.96
CA GLN A 60 -0.67 1.27 12.27
C GLN A 60 0.06 0.09 12.89
N SER A 61 1.27 0.32 13.38
CA SER A 61 2.02 -0.73 14.02
C SER A 61 2.02 -0.46 15.52
N VAL A 62 1.89 -1.52 16.31
CA VAL A 62 1.89 -1.42 17.76
C VAL A 62 2.45 -2.74 18.25
N GLY A 63 3.62 -2.68 18.89
CA GLY A 63 4.24 -3.90 19.34
C GLY A 63 4.61 -4.68 18.10
N GLU A 64 4.35 -5.98 18.09
CA GLU A 64 4.67 -6.80 16.92
C GLU A 64 3.44 -6.95 16.02
N LYS A 65 2.37 -6.25 16.37
CA LYS A 65 1.13 -6.32 15.59
C LYS A 65 0.97 -5.16 14.61
N ILE A 66 0.30 -5.44 13.50
CA ILE A 66 0.05 -4.42 12.50
C ILE A 66 -1.44 -4.44 12.13
N PHE A 67 -2.07 -3.27 12.20
CA PHE A 67 -3.47 -3.13 11.82
C PHE A 67 -3.47 -2.44 10.46
N LYS A 68 -4.31 -2.89 9.56
CA LYS A 68 -4.39 -2.24 8.25
C LYS A 68 -5.83 -2.24 7.77
N THR A 69 -6.32 -1.08 7.38
CA THR A 69 -7.69 -0.98 6.89
C THR A 69 -7.72 -1.13 5.36
N ALA A 70 -8.78 -1.75 4.87
CA ALA A 70 -8.97 -1.94 3.44
C ALA A 70 -9.51 -0.65 2.83
N GLY A 71 -10.03 0.22 3.69
CA GLY A 71 -10.55 1.49 3.22
C GLY A 71 -12.02 1.50 2.82
N PHE A 72 -12.70 0.37 2.98
CA PHE A 72 -14.12 0.28 2.64
C PHE A 72 -14.88 -0.51 3.71
N VAL A 73 -16.21 -0.51 3.61
CA VAL A 73 -17.05 -1.21 4.58
C VAL A 73 -17.66 -2.48 3.99
N LYS A 74 -17.89 -3.47 4.86
CA LYS A 74 -18.46 -4.75 4.47
C LYS A 74 -19.18 -5.35 5.66
N PRO A 75 -20.12 -6.28 5.41
CA PRO A 75 -20.84 -6.91 6.53
C PRO A 75 -19.80 -7.79 7.23
N PHE A 76 -20.08 -8.22 8.46
CA PHE A 76 -19.12 -9.03 9.21
C PHE A 76 -18.55 -10.28 8.53
N THR A 77 -19.42 -11.16 8.05
CA THR A 77 -18.93 -12.39 7.43
C THR A 77 -17.97 -12.13 6.28
N GLU A 78 -18.30 -11.15 5.44
CA GLU A 78 -17.45 -10.80 4.29
C GLU A 78 -16.14 -10.18 4.75
N ALA A 79 -16.22 -9.32 5.77
CA ALA A 79 -15.02 -8.68 6.30
C ALA A 79 -14.09 -9.75 6.89
N GLN A 80 -14.69 -10.69 7.63
CA GLN A 80 -13.93 -11.76 8.26
C GLN A 80 -13.23 -12.63 7.21
N LEU A 81 -13.94 -12.88 6.11
CA LEU A 81 -13.37 -13.69 5.04
C LEU A 81 -12.20 -12.97 4.36
N LEU A 82 -12.33 -11.67 4.14
CA LEU A 82 -11.27 -10.90 3.51
C LEU A 82 -9.98 -10.97 4.33
N CYS A 83 -10.09 -10.82 5.64
CA CYS A 83 -8.91 -10.87 6.50
C CYS A 83 -8.31 -12.27 6.55
N THR A 84 -9.16 -13.29 6.67
CA THR A 84 -8.68 -14.67 6.72
C THR A 84 -7.95 -15.04 5.43
N GLN A 85 -8.54 -14.70 4.30
CA GLN A 85 -7.93 -14.99 3.00
C GLN A 85 -6.62 -14.24 2.82
N ALA A 86 -6.48 -13.09 3.47
CA ALA A 86 -5.25 -12.31 3.36
C ALA A 86 -4.18 -12.83 4.31
N GLY A 87 -4.51 -13.86 5.08
CA GLY A 87 -3.55 -14.43 6.00
C GLY A 87 -3.53 -13.79 7.38
N GLY A 88 -4.55 -13.01 7.69
CA GLY A 88 -4.63 -12.37 9.00
C GLY A 88 -5.98 -12.66 9.64
N GLN A 89 -6.49 -11.70 10.40
CA GLN A 89 -7.80 -11.82 11.02
C GLN A 89 -8.31 -10.43 11.30
N LEU A 90 -9.59 -10.30 11.64
CA LEU A 90 -10.14 -8.99 11.94
C LEU A 90 -9.44 -8.41 13.15
N ALA A 91 -9.41 -7.07 13.24
CA ALA A 91 -8.77 -6.38 14.35
C ALA A 91 -9.19 -6.97 15.69
N SER A 92 -8.21 -7.31 16.52
CA SER A 92 -8.47 -7.89 17.83
C SER A 92 -7.62 -7.22 18.89
N PRO A 93 -7.94 -5.96 19.24
CA PRO A 93 -7.15 -5.26 20.27
C PRO A 93 -7.16 -6.01 21.59
N ARG A 94 -5.97 -6.31 22.11
CA ARG A 94 -5.85 -7.04 23.36
C ARG A 94 -5.33 -6.18 24.51
N SER A 95 -5.19 -4.87 24.27
CA SER A 95 -4.69 -3.96 25.29
C SER A 95 -5.11 -2.54 24.96
N ALA A 96 -4.93 -1.62 25.92
CA ALA A 96 -5.29 -0.22 25.71
C ALA A 96 -4.45 0.36 24.58
N ALA A 97 -3.19 -0.04 24.52
CA ALA A 97 -2.27 0.42 23.49
C ALA A 97 -2.71 -0.01 22.10
N GLU A 98 -3.13 -1.27 21.98
CA GLU A 98 -3.58 -1.77 20.68
C GLU A 98 -4.89 -1.09 20.31
N ASN A 99 -5.76 -0.87 21.29
CA ASN A 99 -7.04 -0.23 21.01
C ASN A 99 -6.82 1.21 20.53
N ALA A 100 -5.86 1.91 21.13
CA ALA A 100 -5.58 3.28 20.74
C ALA A 100 -5.02 3.33 19.32
N ALA A 101 -4.23 2.33 18.96
CA ALA A 101 -3.64 2.26 17.63
C ALA A 101 -4.74 2.04 16.60
N LEU A 102 -5.66 1.12 16.89
CA LEU A 102 -6.75 0.82 15.98
C LEU A 102 -7.64 2.05 15.86
N GLN A 103 -7.82 2.75 16.98
CA GLN A 103 -8.64 3.96 16.99
C GLN A 103 -8.13 5.00 16.00
N GLN A 104 -6.81 5.08 15.84
CA GLN A 104 -6.22 6.04 14.91
C GLN A 104 -6.75 5.83 13.48
N LEU A 105 -6.86 4.57 13.07
CA LEU A 105 -7.36 4.27 11.73
C LEU A 105 -8.85 4.57 11.57
N VAL A 106 -9.63 4.26 12.59
CA VAL A 106 -11.06 4.50 12.55
C VAL A 106 -11.30 6.00 12.44
N VAL A 107 -10.54 6.78 13.20
CA VAL A 107 -10.65 8.23 13.20
C VAL A 107 -10.22 8.79 11.84
N ALA A 108 -9.14 8.24 11.29
CA ALA A 108 -8.62 8.69 10.00
C ALA A 108 -9.66 8.47 8.89
N LYS A 109 -10.36 7.35 8.95
CA LYS A 109 -11.37 7.02 7.96
C LYS A 109 -12.74 7.56 8.37
N ASN A 110 -12.86 7.93 9.63
CA ASN A 110 -14.12 8.45 10.17
C ASN A 110 -15.23 7.43 9.94
N GLU A 111 -14.93 6.17 10.21
CA GLU A 111 -15.88 5.07 10.03
C GLU A 111 -15.64 4.00 11.09
N ALA A 112 -16.69 3.66 11.85
CA ALA A 112 -16.59 2.64 12.88
C ALA A 112 -16.19 1.33 12.20
N ALA A 113 -15.38 0.52 12.89
CA ALA A 113 -14.91 -0.74 12.31
C ALA A 113 -15.32 -1.96 13.13
N PHE A 114 -15.35 -3.11 12.48
CA PHE A 114 -15.68 -4.37 13.13
C PHE A 114 -14.44 -4.95 13.81
N LEU A 115 -14.64 -5.61 14.95
CA LEU A 115 -13.54 -6.29 15.62
C LEU A 115 -13.80 -7.76 15.29
N SER A 116 -12.89 -8.64 15.66
CA SER A 116 -13.03 -10.07 15.34
C SER A 116 -13.93 -10.86 16.26
N MET A 117 -14.11 -10.35 17.47
CA MET A 117 -14.86 -11.04 18.51
C MET A 117 -16.39 -11.09 18.37
N THR A 118 -16.98 -12.23 18.75
CA THR A 118 -18.42 -12.41 18.68
C THR A 118 -18.91 -13.25 19.88
N ASP A 119 -20.22 -13.24 20.12
CA ASP A 119 -20.78 -14.04 21.19
C ASP A 119 -21.87 -14.91 20.56
N SER A 120 -21.59 -15.39 19.36
CA SER A 120 -22.53 -16.23 18.62
C SER A 120 -22.73 -17.61 19.25
N LYS A 121 -21.66 -18.18 19.79
CA LYS A 121 -21.72 -19.50 20.42
C LYS A 121 -22.47 -19.48 21.74
N THR A 122 -22.11 -18.52 22.59
CA THR A 122 -22.75 -18.37 23.89
C THR A 122 -23.09 -16.90 24.10
N GLU A 123 -24.37 -16.57 24.00
CA GLU A 123 -24.83 -15.19 24.15
C GLU A 123 -24.29 -14.57 25.43
N GLY A 124 -23.72 -13.37 25.30
CA GLY A 124 -23.19 -12.67 26.45
C GLY A 124 -21.71 -12.95 26.71
N LYS A 125 -21.16 -13.95 26.03
CA LYS A 125 -19.75 -14.30 26.21
C LYS A 125 -18.98 -14.10 24.91
N PHE A 126 -18.30 -12.96 24.80
CA PHE A 126 -17.54 -12.67 23.60
C PHE A 126 -16.20 -13.38 23.58
N THR A 127 -15.84 -13.92 22.43
CA THR A 127 -14.58 -14.63 22.28
C THR A 127 -13.90 -14.28 20.96
N TYR A 128 -12.60 -14.55 20.92
CA TYR A 128 -11.80 -14.32 19.72
C TYR A 128 -12.11 -15.49 18.80
N PRO A 129 -11.70 -15.42 17.52
CA PRO A 129 -11.94 -16.49 16.56
C PRO A 129 -11.52 -17.87 17.08
N THR A 130 -10.54 -17.89 17.97
CA THR A 130 -10.01 -19.12 18.54
C THR A 130 -10.95 -19.75 19.56
N GLY A 131 -11.79 -18.92 20.18
CA GLY A 131 -12.70 -19.44 21.19
C GLY A 131 -12.32 -18.95 22.57
N GLU A 132 -11.15 -18.32 22.65
CA GLU A 132 -10.64 -17.78 23.90
C GLU A 132 -11.47 -16.56 24.34
N SER A 133 -11.73 -16.44 25.63
CA SER A 133 -12.50 -15.32 26.16
C SER A 133 -11.64 -14.06 26.11
N LEU A 134 -12.29 -12.90 26.09
CA LEU A 134 -11.59 -11.62 26.03
C LEU A 134 -10.62 -11.40 27.18
N VAL A 135 -9.50 -10.77 26.89
CA VAL A 135 -8.49 -10.46 27.90
C VAL A 135 -8.46 -8.94 28.07
N TYR A 136 -9.25 -8.25 27.26
CA TYR A 136 -9.35 -6.80 27.28
C TYR A 136 -10.67 -6.39 26.63
N SER A 137 -11.29 -5.34 27.14
CA SER A 137 -12.53 -4.84 26.57
C SER A 137 -12.60 -3.33 26.83
N ASN A 138 -13.33 -2.62 25.98
CA ASN A 138 -13.48 -1.17 26.13
C ASN A 138 -14.92 -0.79 25.77
N TRP A 139 -15.86 -1.50 26.36
CA TRP A 139 -17.29 -1.28 26.12
C TRP A 139 -17.75 0.12 26.49
N ALA A 140 -18.59 0.69 25.63
CA ALA A 140 -19.15 2.01 25.90
C ALA A 140 -20.15 1.81 27.02
N PRO A 141 -20.48 2.87 27.77
CA PRO A 141 -21.44 2.72 28.86
C PRO A 141 -22.74 2.06 28.37
N GLY A 142 -23.19 1.03 29.08
CA GLY A 142 -24.42 0.34 28.71
C GLY A 142 -24.27 -0.81 27.72
N GLU A 143 -23.04 -1.05 27.27
CA GLU A 143 -22.79 -2.12 26.32
C GLU A 143 -21.98 -3.23 26.98
N PRO A 144 -22.06 -4.47 26.46
CA PRO A 144 -22.86 -4.87 25.29
C PRO A 144 -24.29 -5.15 25.74
N ASN A 145 -25.27 -4.65 24.99
CA ASN A 145 -26.68 -4.84 25.37
C ASN A 145 -27.50 -5.84 24.56
N ASP A 146 -26.91 -6.40 23.50
CA ASP A 146 -27.60 -7.35 22.64
C ASP A 146 -28.94 -6.76 22.20
N ASP A 147 -28.90 -5.57 21.64
CA ASP A 147 -30.11 -4.90 21.19
C ASP A 147 -30.92 -5.72 20.21
N GLY A 148 -32.23 -5.75 20.42
CA GLY A 148 -33.12 -6.51 19.55
C GLY A 148 -32.92 -8.00 19.75
N GLY A 149 -32.04 -8.35 20.68
CA GLY A 149 -31.77 -9.76 20.93
C GLY A 149 -31.02 -10.36 19.76
N SER A 150 -30.28 -9.52 19.03
CA SER A 150 -29.53 -10.00 17.87
C SER A 150 -28.28 -9.20 17.51
N GLU A 151 -27.44 -8.92 18.51
CA GLU A 151 -26.19 -8.20 18.27
C GLU A 151 -25.05 -9.10 18.77
N ASP A 152 -24.43 -9.83 17.85
CA ASP A 152 -23.37 -10.75 18.21
C ASP A 152 -21.99 -10.38 17.69
N CYS A 153 -21.87 -9.20 17.09
CA CYS A 153 -20.60 -8.69 16.58
C CYS A 153 -20.23 -7.43 17.34
N VAL A 154 -19.01 -6.95 17.17
CA VAL A 154 -18.54 -5.77 17.89
C VAL A 154 -17.95 -4.71 16.97
N GLU A 155 -18.31 -3.46 17.20
CA GLU A 155 -17.78 -2.35 16.41
C GLU A 155 -17.02 -1.42 17.36
N ILE A 156 -16.02 -0.73 16.84
CA ILE A 156 -15.26 0.22 17.64
C ILE A 156 -15.52 1.59 17.03
N PHE A 157 -15.92 2.55 17.86
CA PHE A 157 -16.23 3.91 17.42
C PHE A 157 -14.99 4.79 17.28
N THR A 158 -15.18 6.00 16.75
CA THR A 158 -14.06 6.93 16.59
C THR A 158 -13.50 7.37 17.94
N ASN A 159 -14.26 7.18 19.03
CA ASN A 159 -13.77 7.55 20.35
C ASN A 159 -13.10 6.36 21.03
N GLY A 160 -12.97 5.26 20.27
CA GLY A 160 -12.32 4.07 20.80
C GLY A 160 -13.16 3.10 21.59
N LYS A 161 -14.38 3.51 21.94
CA LYS A 161 -15.27 2.64 22.72
C LYS A 161 -15.93 1.59 21.85
N TRP A 162 -16.29 0.47 22.47
CA TRP A 162 -16.93 -0.64 21.77
C TRP A 162 -18.42 -0.73 21.98
N ASN A 163 -19.11 -1.29 20.99
CA ASN A 163 -20.55 -1.50 21.06
C ASN A 163 -20.90 -2.77 20.29
N ASP A 164 -21.76 -3.61 20.85
CA ASP A 164 -22.14 -4.80 20.12
C ASP A 164 -23.15 -4.36 19.06
N ARG A 165 -23.02 -4.94 17.87
CA ARG A 165 -23.86 -4.58 16.74
C ARG A 165 -24.21 -5.80 15.90
N ALA A 166 -25.31 -5.71 15.15
CA ALA A 166 -25.74 -6.81 14.30
C ALA A 166 -24.65 -7.09 13.27
N CYS A 167 -24.35 -8.36 13.05
CA CYS A 167 -23.30 -8.74 12.11
C CYS A 167 -23.64 -8.42 10.66
N GLY A 168 -24.91 -8.17 10.39
CA GLY A 168 -25.33 -7.85 9.04
C GLY A 168 -25.04 -6.42 8.64
N GLU A 169 -24.74 -5.57 9.63
CA GLU A 169 -24.44 -4.17 9.36
C GLU A 169 -23.09 -4.09 8.66
N LYS A 170 -22.87 -3.02 7.89
CA LYS A 170 -21.60 -2.85 7.18
C LYS A 170 -20.71 -1.88 7.95
N ARG A 171 -19.46 -2.30 8.21
CA ARG A 171 -18.52 -1.47 8.94
C ARG A 171 -17.14 -1.52 8.30
N LEU A 172 -16.29 -0.57 8.67
CA LEU A 172 -14.94 -0.50 8.12
C LEU A 172 -14.20 -1.81 8.36
N VAL A 173 -13.51 -2.27 7.32
CA VAL A 173 -12.75 -3.51 7.40
C VAL A 173 -11.31 -3.20 7.80
N VAL A 174 -10.90 -3.72 8.94
CA VAL A 174 -9.54 -3.54 9.44
C VAL A 174 -9.05 -4.91 9.86
N CYS A 175 -7.92 -5.33 9.29
CA CYS A 175 -7.36 -6.62 9.61
C CYS A 175 -6.09 -6.43 10.42
N GLU A 176 -5.69 -7.46 11.16
CA GLU A 176 -4.45 -7.40 11.92
C GLU A 176 -3.55 -8.51 11.40
N PHE A 177 -2.25 -8.22 11.36
CA PHE A 177 -1.25 -9.17 10.88
C PHE A 177 -0.11 -9.22 11.89
N VAL B 26 34.67 -23.29 12.67
CA VAL B 26 35.41 -23.28 11.36
C VAL B 26 34.67 -24.13 10.32
N ALA B 27 34.60 -25.43 10.58
CA ALA B 27 33.93 -26.35 9.68
C ALA B 27 32.42 -26.13 9.72
N SER B 28 31.83 -26.25 10.91
CA SER B 28 30.40 -26.05 11.07
C SER B 28 30.07 -24.62 10.69
N LEU B 29 30.92 -23.69 11.11
CA LEU B 29 30.74 -22.28 10.81
C LEU B 29 30.69 -22.08 9.30
N ARG B 30 31.43 -22.91 8.58
CA ARG B 30 31.48 -22.85 7.12
C ARG B 30 30.08 -23.01 6.55
N GLN B 31 29.46 -24.14 6.81
CA GLN B 31 28.10 -24.41 6.32
C GLN B 31 27.15 -23.28 6.71
N GLN B 32 27.22 -22.86 7.97
CA GLN B 32 26.36 -21.80 8.48
C GLN B 32 26.48 -20.54 7.62
N VAL B 33 27.69 -20.21 7.20
CA VAL B 33 27.91 -19.03 6.37
C VAL B 33 27.32 -19.24 4.98
N GLU B 34 27.52 -20.44 4.43
CA GLU B 34 27.00 -20.76 3.11
C GLU B 34 25.47 -20.76 3.11
N ALA B 35 24.89 -21.16 4.24
CA ALA B 35 23.44 -21.20 4.38
C ALA B 35 22.88 -19.79 4.42
N LEU B 36 23.56 -18.92 5.16
CA LEU B 36 23.14 -17.53 5.28
C LEU B 36 23.17 -16.82 3.93
N GLN B 37 24.18 -17.14 3.12
CA GLN B 37 24.30 -16.52 1.81
C GLN B 37 23.06 -16.81 0.96
N GLY B 38 22.58 -18.04 1.02
CA GLY B 38 21.39 -18.41 0.27
C GLY B 38 20.15 -17.72 0.80
N GLN B 39 20.06 -17.58 2.12
CA GLN B 39 18.92 -16.93 2.75
C GLN B 39 18.92 -15.44 2.44
N VAL B 40 20.10 -14.85 2.43
CA VAL B 40 20.23 -13.42 2.15
C VAL B 40 19.89 -13.13 0.69
N GLN B 41 20.34 -13.99 -0.22
CA GLN B 41 20.03 -13.81 -1.63
C GLN B 41 18.52 -13.89 -1.85
N HIS B 42 17.85 -14.79 -1.14
CA HIS B 42 16.41 -14.93 -1.30
C HIS B 42 15.72 -13.64 -0.84
N LEU B 43 16.14 -13.13 0.32
CA LEU B 43 15.55 -11.90 0.85
C LEU B 43 15.77 -10.73 -0.11
N GLN B 44 16.98 -10.62 -0.65
CA GLN B 44 17.28 -9.52 -1.56
C GLN B 44 16.40 -9.56 -2.80
N ALA B 45 16.22 -10.75 -3.38
CA ALA B 45 15.40 -10.88 -4.57
C ALA B 45 13.93 -10.59 -4.26
N ALA B 46 13.45 -11.15 -3.15
CA ALA B 46 12.07 -10.95 -2.75
C ALA B 46 11.79 -9.48 -2.42
N PHE B 47 12.72 -8.86 -1.71
CA PHE B 47 12.54 -7.46 -1.34
C PHE B 47 12.56 -6.57 -2.58
N SER B 48 13.43 -6.88 -3.52
CA SER B 48 13.51 -6.10 -4.75
C SER B 48 12.15 -6.07 -5.44
N GLN B 49 11.49 -7.21 -5.50
CA GLN B 49 10.19 -7.30 -6.13
C GLN B 49 9.14 -6.50 -5.36
N TYR B 50 9.12 -6.65 -4.04
CA TYR B 50 8.15 -5.93 -3.24
C TYR B 50 8.30 -4.42 -3.21
N LYS B 51 9.50 -3.92 -3.48
CA LYS B 51 9.70 -2.47 -3.49
C LYS B 51 8.89 -1.90 -4.66
N LYS B 52 8.96 -2.57 -5.80
CA LYS B 52 8.20 -2.12 -6.97
C LYS B 52 6.71 -2.19 -6.68
N VAL B 53 6.30 -3.28 -6.06
CA VAL B 53 4.89 -3.47 -5.74
C VAL B 53 4.38 -2.37 -4.82
N GLU B 54 5.16 -2.05 -3.79
CA GLU B 54 4.77 -1.02 -2.83
C GLU B 54 4.55 0.35 -3.47
N LEU B 55 5.48 0.76 -4.33
CA LEU B 55 5.40 2.07 -4.95
C LEU B 55 4.26 2.25 -5.93
N PHE B 56 3.68 1.14 -6.40
CA PHE B 56 2.57 1.23 -7.34
C PHE B 56 1.24 1.33 -6.57
N PRO B 57 0.43 2.37 -6.85
CA PRO B 57 0.63 3.45 -7.81
C PRO B 57 0.82 4.82 -7.15
N ASN B 58 0.98 4.84 -5.83
CA ASN B 58 1.10 6.11 -5.12
C ASN B 58 2.46 6.55 -4.63
N GLY B 59 3.52 5.87 -5.05
CA GLY B 59 4.85 6.25 -4.61
C GLY B 59 5.84 6.53 -5.71
N GLN B 60 6.92 7.20 -5.36
CA GLN B 60 7.99 7.54 -6.30
C GLN B 60 9.31 7.43 -5.56
N SER B 61 10.25 6.70 -6.15
CA SER B 61 11.56 6.54 -5.54
C SER B 61 12.54 7.38 -6.34
N VAL B 62 13.39 8.13 -5.64
CA VAL B 62 14.39 8.96 -6.28
C VAL B 62 15.60 8.99 -5.35
N GLY B 63 16.70 8.40 -5.82
CA GLY B 63 17.88 8.34 -4.97
C GLY B 63 17.51 7.46 -3.78
N GLU B 64 17.79 7.92 -2.58
CA GLU B 64 17.45 7.14 -1.40
C GLU B 64 16.17 7.67 -0.72
N LYS B 65 15.49 8.58 -1.39
CA LYS B 65 14.24 9.16 -0.87
C LYS B 65 13.01 8.54 -1.53
N ILE B 66 11.93 8.44 -0.77
CA ILE B 66 10.68 7.91 -1.31
C ILE B 66 9.57 8.91 -1.00
N PHE B 67 8.81 9.28 -2.03
CA PHE B 67 7.66 10.18 -1.87
C PHE B 67 6.44 9.28 -1.99
N LYS B 68 5.45 9.51 -1.13
CA LYS B 68 4.23 8.71 -1.21
C LYS B 68 3.04 9.57 -0.90
N THR B 69 2.01 9.51 -1.76
CA THR B 69 0.83 10.32 -1.52
C THR B 69 -0.25 9.51 -0.81
N ALA B 70 -0.99 10.20 0.06
CA ALA B 70 -2.07 9.57 0.80
C ALA B 70 -3.28 9.48 -0.13
N GLY B 71 -3.26 10.26 -1.21
CA GLY B 71 -4.36 10.22 -2.16
C GLY B 71 -5.50 11.20 -1.89
N PHE B 72 -5.39 11.97 -0.82
CA PHE B 72 -6.44 12.93 -0.48
C PHE B 72 -5.84 14.29 -0.11
N VAL B 73 -6.71 15.29 0.04
CA VAL B 73 -6.26 16.63 0.39
C VAL B 73 -6.58 17.00 1.83
N LYS B 74 -5.74 17.85 2.43
CA LYS B 74 -5.90 18.31 3.80
C LYS B 74 -5.24 19.67 3.95
N PRO B 75 -5.63 20.44 4.99
CA PRO B 75 -5.02 21.75 5.19
C PRO B 75 -3.58 21.46 5.64
N PHE B 76 -2.70 22.45 5.56
CA PHE B 76 -1.30 22.24 5.94
C PHE B 76 -1.04 21.59 7.30
N THR B 77 -1.60 22.16 8.36
CA THR B 77 -1.37 21.62 9.70
C THR B 77 -1.73 20.14 9.81
N GLU B 78 -2.87 19.76 9.24
CA GLU B 78 -3.32 18.37 9.30
C GLU B 78 -2.40 17.48 8.46
N ALA B 79 -2.02 17.98 7.29
CA ALA B 79 -1.13 17.23 6.39
C ALA B 79 0.21 17.00 7.07
N GLN B 80 0.73 18.05 7.70
CA GLN B 80 2.01 17.99 8.39
C GLN B 80 1.99 16.93 9.51
N LEU B 81 0.91 16.93 10.30
CA LEU B 81 0.80 15.98 11.40
C LEU B 81 0.73 14.55 10.87
N LEU B 82 -0.05 14.33 9.82
CA LEU B 82 -0.16 12.99 9.23
C LEU B 82 1.22 12.44 8.88
N CYS B 83 2.03 13.23 8.20
CA CYS B 83 3.36 12.77 7.82
C CYS B 83 4.26 12.55 9.03
N THR B 84 4.23 13.49 9.97
CA THR B 84 5.06 13.39 11.16
C THR B 84 4.77 12.13 11.95
N GLN B 85 3.48 11.87 12.16
CA GLN B 85 3.05 10.70 12.92
C GLN B 85 3.44 9.40 12.22
N ALA B 86 3.54 9.45 10.90
CA ALA B 86 3.89 8.26 10.13
C ALA B 86 5.40 8.03 10.06
N GLY B 87 6.16 8.89 10.74
CA GLY B 87 7.60 8.74 10.75
C GLY B 87 8.34 9.46 9.63
N GLY B 88 7.63 10.31 8.89
CA GLY B 88 8.28 11.04 7.82
C GLY B 88 8.01 12.52 7.97
N GLN B 89 7.90 13.21 6.85
CA GLN B 89 7.59 14.64 6.85
C GLN B 89 7.03 14.98 5.49
N LEU B 90 6.44 16.16 5.36
CA LEU B 90 5.87 16.56 4.09
C LEU B 90 6.96 16.62 3.04
N ALA B 91 6.58 16.39 1.79
CA ALA B 91 7.53 16.41 0.67
C ALA B 91 8.45 17.63 0.74
N SER B 92 9.75 17.38 0.64
CA SER B 92 10.75 18.45 0.71
C SER B 92 11.81 18.22 -0.36
N PRO B 93 11.47 18.46 -1.63
CA PRO B 93 12.46 18.27 -2.71
C PRO B 93 13.71 19.12 -2.53
N ARG B 94 14.88 18.48 -2.55
CA ARG B 94 16.13 19.20 -2.36
C ARG B 94 16.98 19.29 -3.63
N SER B 95 16.38 18.91 -4.76
CA SER B 95 17.08 18.96 -6.05
C SER B 95 16.07 18.88 -7.17
N ALA B 96 16.50 19.21 -8.38
CA ALA B 96 15.63 19.16 -9.55
C ALA B 96 15.10 17.75 -9.76
N ALA B 97 15.96 16.76 -9.50
CA ALA B 97 15.58 15.36 -9.66
C ALA B 97 14.47 14.97 -8.70
N GLU B 98 14.60 15.37 -7.44
CA GLU B 98 13.57 15.05 -6.45
C GLU B 98 12.28 15.79 -6.80
N ASN B 99 12.41 17.04 -7.24
CA ASN B 99 11.22 17.81 -7.59
C ASN B 99 10.47 17.18 -8.76
N ALA B 100 11.20 16.68 -9.74
CA ALA B 100 10.57 16.06 -10.91
C ALA B 100 9.86 14.76 -10.51
N ALA B 101 10.46 14.03 -9.57
CA ALA B 101 9.85 12.79 -9.11
C ALA B 101 8.54 13.11 -8.40
N LEU B 102 8.57 14.15 -7.56
CA LEU B 102 7.37 14.56 -6.83
C LEU B 102 6.32 15.02 -7.84
N GLN B 103 6.76 15.74 -8.85
CA GLN B 103 5.84 16.23 -9.88
C GLN B 103 5.07 15.06 -10.51
N GLN B 104 5.74 13.93 -10.70
CA GLN B 104 5.09 12.77 -11.29
C GLN B 104 3.85 12.35 -10.50
N LEU B 105 3.93 12.39 -9.17
CA LEU B 105 2.78 12.02 -8.34
C LEU B 105 1.68 13.08 -8.43
N VAL B 106 2.06 14.34 -8.43
CA VAL B 106 1.09 15.43 -8.50
C VAL B 106 0.32 15.34 -9.82
N VAL B 107 1.04 15.07 -10.89
CA VAL B 107 0.44 14.94 -12.22
C VAL B 107 -0.50 13.76 -12.26
N ALA B 108 -0.07 12.64 -11.70
CA ALA B 108 -0.87 11.42 -11.68
C ALA B 108 -2.19 11.61 -10.96
N LYS B 109 -2.17 12.35 -9.86
CA LYS B 109 -3.38 12.59 -9.10
C LYS B 109 -4.10 13.86 -9.55
N ASN B 110 -3.44 14.64 -10.40
CA ASN B 110 -3.98 15.88 -10.91
C ASN B 110 -4.42 16.80 -9.77
N GLU B 111 -3.59 16.90 -8.75
CA GLU B 111 -3.89 17.73 -7.57
C GLU B 111 -2.61 18.34 -7.01
N ALA B 112 -2.55 19.67 -6.98
CA ALA B 112 -1.38 20.34 -6.43
C ALA B 112 -1.18 19.86 -4.99
N ALA B 113 0.07 19.77 -4.55
CA ALA B 113 0.38 19.30 -3.21
C ALA B 113 1.17 20.28 -2.35
N PHE B 114 1.07 20.11 -1.04
CA PHE B 114 1.81 20.94 -0.09
C PHE B 114 3.23 20.42 0.06
N LEU B 115 4.17 21.35 0.24
CA LEU B 115 5.56 21.00 0.50
C LEU B 115 5.70 21.24 2.01
N SER B 116 6.84 20.88 2.58
CA SER B 116 7.03 21.04 4.03
C SER B 116 7.43 22.45 4.48
N MET B 117 7.99 23.22 3.56
CA MET B 117 8.52 24.53 3.89
C MET B 117 7.55 25.69 4.11
N THR B 118 7.90 26.55 5.05
CA THR B 118 7.08 27.71 5.38
C THR B 118 7.96 28.90 5.76
N ASP B 119 7.38 30.10 5.74
CA ASP B 119 8.10 31.30 6.13
C ASP B 119 7.26 31.93 7.25
N SER B 120 6.69 31.07 8.07
CA SER B 120 5.84 31.50 9.18
C SER B 120 6.63 32.14 10.32
N LYS B 121 7.89 31.76 10.48
CA LYS B 121 8.71 32.33 11.53
C LYS B 121 9.17 33.72 11.11
N THR B 122 9.80 33.80 9.94
CA THR B 122 10.27 35.07 9.41
C THR B 122 9.76 35.23 7.98
N GLU B 123 8.85 36.18 7.78
CA GLU B 123 8.27 36.44 6.47
C GLU B 123 9.33 36.65 5.40
N GLY B 124 9.20 35.93 4.28
CA GLY B 124 10.15 36.05 3.20
C GLY B 124 11.28 35.05 3.25
N LYS B 125 11.43 34.37 4.40
CA LYS B 125 12.48 33.37 4.56
C LYS B 125 11.89 31.98 4.76
N PHE B 126 11.89 31.19 3.69
CA PHE B 126 11.35 29.83 3.78
C PHE B 126 12.38 28.86 4.31
N THR B 127 11.94 27.96 5.18
CA THR B 127 12.81 26.97 5.78
C THR B 127 12.12 25.62 5.89
N TYR B 128 12.91 24.57 6.11
CA TYR B 128 12.38 23.24 6.27
C TYR B 128 11.93 23.15 7.72
N PRO B 129 11.19 22.08 8.09
CA PRO B 129 10.71 21.91 9.46
C PRO B 129 11.83 21.99 10.50
N THR B 130 13.07 21.76 10.06
CA THR B 130 14.21 21.80 10.96
C THR B 130 14.71 23.22 11.21
N GLY B 131 14.31 24.15 10.36
CA GLY B 131 14.72 25.53 10.50
C GLY B 131 15.80 25.89 9.49
N GLU B 132 16.30 24.88 8.80
CA GLU B 132 17.34 25.06 7.79
C GLU B 132 16.79 25.79 6.55
N SER B 133 17.59 26.69 5.99
CA SER B 133 17.19 27.45 4.80
C SER B 133 17.15 26.53 3.60
N LEU B 134 16.38 26.90 2.58
CA LEU B 134 16.25 26.08 1.37
C LEU B 134 17.56 25.88 0.62
N VAL B 135 17.76 24.68 0.10
CA VAL B 135 18.96 24.37 -0.69
C VAL B 135 18.55 24.23 -2.15
N TYR B 136 17.24 24.28 -2.39
CA TYR B 136 16.68 24.18 -3.74
C TYR B 136 15.28 24.80 -3.75
N SER B 137 14.90 25.36 -4.89
CA SER B 137 13.58 25.95 -5.05
C SER B 137 13.23 25.97 -6.53
N ASN B 138 11.94 25.96 -6.84
CA ASN B 138 11.49 26.00 -8.22
C ASN B 138 10.26 26.90 -8.33
N TRP B 139 10.39 28.10 -7.80
CA TRP B 139 9.32 29.09 -7.80
C TRP B 139 8.85 29.49 -9.19
N ALA B 140 7.53 29.61 -9.33
CA ALA B 140 6.96 30.05 -10.59
C ALA B 140 7.37 31.53 -10.64
N PRO B 141 7.39 32.15 -11.83
CA PRO B 141 7.78 33.55 -11.94
C PRO B 141 6.98 34.48 -11.00
N GLY B 142 7.70 35.33 -10.27
CA GLY B 142 7.04 36.26 -9.37
C GLY B 142 6.77 35.74 -7.97
N GLU B 143 6.86 34.42 -7.78
CA GLU B 143 6.63 33.82 -6.46
C GLU B 143 7.95 33.65 -5.72
N PRO B 144 7.91 33.65 -4.37
CA PRO B 144 6.69 33.80 -3.56
C PRO B 144 6.28 35.27 -3.50
N ASN B 145 4.97 35.53 -3.42
CA ASN B 145 4.50 36.91 -3.38
C ASN B 145 3.66 37.25 -2.16
N ASP B 146 3.54 36.31 -1.23
CA ASP B 146 2.75 36.50 0.00
C ASP B 146 1.48 37.25 -0.33
N ASP B 147 0.75 36.74 -1.33
CA ASP B 147 -0.49 37.36 -1.77
C ASP B 147 -1.48 37.59 -0.63
N GLY B 148 -2.01 38.80 -0.57
CA GLY B 148 -2.97 39.13 0.47
C GLY B 148 -2.29 39.23 1.82
N GLY B 149 -0.96 39.11 1.82
CA GLY B 149 -0.19 39.18 3.03
C GLY B 149 -0.45 38.01 3.97
N SER B 150 -0.83 36.87 3.41
CA SER B 150 -1.13 35.71 4.24
C SER B 150 -0.80 34.36 3.61
N GLU B 151 0.33 34.27 2.91
CA GLU B 151 0.72 33.02 2.29
C GLU B 151 2.06 32.58 2.86
N ASP B 152 2.04 31.62 3.77
CA ASP B 152 3.27 31.15 4.39
C ASP B 152 3.58 29.68 4.10
N CYS B 153 2.73 29.04 3.30
CA CYS B 153 2.95 27.65 2.94
C CYS B 153 3.31 27.58 1.45
N VAL B 154 3.70 26.40 0.98
CA VAL B 154 4.10 26.25 -0.42
C VAL B 154 3.40 25.08 -1.10
N GLU B 155 2.92 25.30 -2.32
CA GLU B 155 2.27 24.24 -3.07
C GLU B 155 3.06 24.00 -4.35
N ILE B 156 3.05 22.76 -4.84
CA ILE B 156 3.72 22.44 -6.08
C ILE B 156 2.64 22.09 -7.10
N PHE B 157 2.71 22.72 -8.28
CA PHE B 157 1.73 22.50 -9.35
C PHE B 157 2.02 21.28 -10.21
N THR B 158 1.08 20.93 -11.10
CA THR B 158 1.28 19.79 -11.98
C THR B 158 2.44 20.03 -12.95
N ASN B 159 2.84 21.29 -13.12
CA ASN B 159 3.95 21.60 -14.00
C ASN B 159 5.26 21.63 -13.20
N GLY B 160 5.16 21.27 -11.93
CA GLY B 160 6.33 21.22 -11.07
C GLY B 160 6.79 22.53 -10.44
N LYS B 161 6.16 23.64 -10.80
CA LYS B 161 6.55 24.93 -10.25
C LYS B 161 5.92 25.14 -8.87
N TRP B 162 6.54 26.01 -8.09
CA TRP B 162 6.07 26.29 -6.73
C TRP B 162 5.38 27.64 -6.60
N ASN B 163 4.48 27.73 -5.64
CA ASN B 163 3.76 28.96 -5.36
C ASN B 163 3.46 28.99 -3.87
N ASP B 164 3.68 30.12 -3.22
CA ASP B 164 3.37 30.21 -1.81
C ASP B 164 1.86 30.39 -1.74
N ARG B 165 1.24 29.70 -0.79
CA ARG B 165 -0.21 29.71 -0.66
C ARG B 165 -0.62 29.71 0.81
N ALA B 166 -1.87 30.12 1.07
CA ALA B 166 -2.38 30.17 2.44
C ALA B 166 -2.39 28.75 3.00
N CYS B 167 -1.87 28.59 4.21
CA CYS B 167 -1.80 27.29 4.85
C CYS B 167 -3.18 26.68 5.14
N GLY B 168 -4.20 27.52 5.15
CA GLY B 168 -5.55 27.04 5.41
C GLY B 168 -6.18 26.31 4.25
N GLU B 169 -5.58 26.41 3.06
CA GLU B 169 -6.09 25.74 1.88
C GLU B 169 -5.86 24.24 1.96
N LYS B 170 -6.62 23.47 1.18
CA LYS B 170 -6.48 22.03 1.18
C LYS B 170 -5.72 21.58 -0.07
N ARG B 171 -4.64 20.84 0.14
CA ARG B 171 -3.83 20.36 -0.97
C ARG B 171 -3.48 18.88 -0.79
N LEU B 172 -3.04 18.25 -1.87
CA LEU B 172 -2.69 16.84 -1.84
C LEU B 172 -1.63 16.57 -0.78
N VAL B 173 -1.84 15.51 0.00
CA VAL B 173 -0.89 15.14 1.04
C VAL B 173 0.15 14.18 0.47
N VAL B 174 1.41 14.60 0.49
CA VAL B 174 2.50 13.77 0.00
C VAL B 174 3.61 13.81 1.04
N CYS B 175 4.00 12.64 1.53
CA CYS B 175 5.06 12.59 2.54
C CYS B 175 6.32 11.99 1.94
N GLU B 176 7.45 12.24 2.59
CA GLU B 176 8.71 11.66 2.16
C GLU B 176 9.27 10.85 3.31
N PHE B 177 9.89 9.72 2.94
CA PHE B 177 10.48 8.79 3.89
C PHE B 177 11.91 8.44 3.43
N SER C 28 34.86 -15.58 18.81
CA SER C 28 34.60 -14.24 18.25
C SER C 28 33.78 -14.33 16.97
N LEU C 29 34.36 -14.93 15.94
CA LEU C 29 33.69 -15.10 14.65
C LEU C 29 32.43 -15.94 14.84
N ARG C 30 32.49 -16.87 15.79
CA ARG C 30 31.37 -17.76 16.08
C ARG C 30 30.25 -16.99 16.77
N GLN C 31 30.60 -15.91 17.45
CA GLN C 31 29.61 -15.09 18.15
C GLN C 31 28.96 -14.12 17.18
N GLN C 32 29.74 -13.64 16.21
CA GLN C 32 29.25 -12.70 15.21
C GLN C 32 28.37 -13.42 14.19
N VAL C 33 28.66 -14.69 13.96
CA VAL C 33 27.88 -15.48 13.00
C VAL C 33 26.49 -15.74 13.58
N GLU C 34 26.44 -16.01 14.89
CA GLU C 34 25.16 -16.26 15.54
C GLU C 34 24.34 -14.98 15.55
N ALA C 35 25.04 -13.85 15.63
CA ALA C 35 24.39 -12.55 15.64
C ALA C 35 23.78 -12.31 14.26
N LEU C 36 24.49 -12.74 13.23
CA LEU C 36 24.03 -12.57 11.86
C LEU C 36 22.85 -13.50 11.60
N GLN C 37 22.94 -14.73 12.12
CA GLN C 37 21.86 -15.70 11.96
C GLN C 37 20.59 -15.10 12.56
N GLY C 38 20.74 -14.48 13.73
CA GLY C 38 19.61 -13.87 14.40
C GLY C 38 18.99 -12.75 13.58
N GLN C 39 19.83 -11.93 12.96
CA GLN C 39 19.36 -10.81 12.14
C GLN C 39 18.60 -11.31 10.92
N VAL C 40 19.09 -12.39 10.30
CA VAL C 40 18.44 -12.93 9.12
C VAL C 40 17.09 -13.55 9.49
N GLN C 41 17.05 -14.28 10.61
CA GLN C 41 15.81 -14.90 11.04
C GLN C 41 14.77 -13.82 11.33
N HIS C 42 15.20 -12.72 11.93
CA HIS C 42 14.30 -11.61 12.23
C HIS C 42 13.76 -11.03 10.92
N LEU C 43 14.66 -10.81 9.96
CA LEU C 43 14.23 -10.28 8.67
C LEU C 43 13.25 -11.21 7.98
N GLN C 44 13.49 -12.52 8.05
CA GLN C 44 12.59 -13.46 7.41
C GLN C 44 11.20 -13.35 8.02
N ALA C 45 11.13 -13.20 9.35
CA ALA C 45 9.85 -13.10 10.03
C ALA C 45 9.18 -11.77 9.71
N ALA C 46 9.96 -10.69 9.75
CA ALA C 46 9.41 -9.36 9.48
C ALA C 46 8.95 -9.22 8.04
N PHE C 47 9.74 -9.76 7.11
CA PHE C 47 9.38 -9.67 5.70
C PHE C 47 8.11 -10.45 5.38
N SER C 48 7.96 -11.62 6.00
CA SER C 48 6.78 -12.43 5.76
C SER C 48 5.53 -11.68 6.20
N GLN C 49 5.63 -11.01 7.34
CA GLN C 49 4.49 -10.24 7.85
C GLN C 49 4.20 -9.08 6.91
N TYR C 50 5.25 -8.38 6.49
CA TYR C 50 5.12 -7.24 5.60
C TYR C 50 4.51 -7.61 4.25
N LYS C 51 4.84 -8.79 3.73
CA LYS C 51 4.28 -9.22 2.45
C LYS C 51 2.76 -9.34 2.54
N LYS C 52 2.27 -9.92 3.62
CA LYS C 52 0.83 -10.08 3.79
C LYS C 52 0.16 -8.73 3.87
N VAL C 53 0.79 -7.81 4.60
CA VAL C 53 0.26 -6.47 4.75
C VAL C 53 0.19 -5.75 3.41
N GLU C 54 1.28 -5.81 2.65
CA GLU C 54 1.33 -5.14 1.35
C GLU C 54 0.24 -5.61 0.39
N LEU C 55 0.04 -6.92 0.31
CA LEU C 55 -0.96 -7.48 -0.60
C LEU C 55 -2.41 -7.21 -0.21
N PHE C 56 -2.63 -6.83 1.06
CA PHE C 56 -3.98 -6.55 1.50
C PHE C 56 -4.30 -5.08 1.24
N PRO C 57 -5.39 -4.79 0.49
CA PRO C 57 -6.36 -5.70 -0.13
C PRO C 57 -6.30 -5.70 -1.66
N ASN C 58 -5.29 -5.06 -2.22
CA ASN C 58 -5.21 -4.94 -3.68
C ASN C 58 -4.23 -5.83 -4.44
N GLY C 59 -3.64 -6.80 -3.76
CA GLY C 59 -2.70 -7.67 -4.43
C GLY C 59 -2.98 -9.16 -4.30
N GLN C 60 -2.38 -9.94 -5.20
CA GLN C 60 -2.53 -11.38 -5.21
C GLN C 60 -1.21 -11.98 -5.62
N SER C 61 -0.76 -12.96 -4.84
CA SER C 61 0.50 -13.64 -5.11
C SER C 61 0.20 -15.02 -5.69
N VAL C 62 0.84 -15.34 -6.80
CA VAL C 62 0.67 -16.66 -7.42
C VAL C 62 2.01 -17.08 -8.01
N GLY C 63 2.59 -18.12 -7.44
CA GLY C 63 3.89 -18.56 -7.92
C GLY C 63 4.87 -17.46 -7.57
N GLU C 64 5.65 -17.02 -8.55
CA GLU C 64 6.61 -15.95 -8.33
C GLU C 64 6.09 -14.63 -8.88
N LYS C 65 4.84 -14.63 -9.32
CA LYS C 65 4.22 -13.44 -9.87
C LYS C 65 3.29 -12.75 -8.89
N ILE C 66 3.22 -11.42 -8.97
CA ILE C 66 2.33 -10.65 -8.11
C ILE C 66 1.45 -9.73 -8.96
N PHE C 67 0.15 -9.83 -8.76
CA PHE C 67 -0.82 -8.98 -9.46
C PHE C 67 -1.21 -7.91 -8.44
N LYS C 68 -1.26 -6.67 -8.86
CA LYS C 68 -1.68 -5.60 -7.97
C LYS C 68 -2.51 -4.58 -8.74
N THR C 69 -3.70 -4.28 -8.23
CA THR C 69 -4.55 -3.31 -8.90
C THR C 69 -4.32 -1.91 -8.34
N ALA C 70 -4.43 -0.92 -9.22
CA ALA C 70 -4.26 0.47 -8.82
C ALA C 70 -5.54 0.95 -8.15
N GLY C 71 -6.63 0.22 -8.36
CA GLY C 71 -7.89 0.59 -7.74
C GLY C 71 -8.74 1.56 -8.53
N PHE C 72 -8.31 1.88 -9.75
CA PHE C 72 -9.07 2.78 -10.61
C PHE C 72 -9.02 2.33 -12.06
N VAL C 73 -9.85 2.93 -12.90
CA VAL C 73 -9.89 2.56 -14.31
C VAL C 73 -9.21 3.59 -15.21
N LYS C 74 -8.70 3.11 -16.34
CA LYS C 74 -8.02 3.95 -17.32
C LYS C 74 -8.12 3.30 -18.69
N PRO C 75 -7.94 4.08 -19.76
CA PRO C 75 -8.00 3.51 -21.11
C PRO C 75 -6.75 2.66 -21.24
N PHE C 76 -6.71 1.77 -22.23
CA PHE C 76 -5.56 0.90 -22.40
C PHE C 76 -4.18 1.55 -22.42
N THR C 77 -3.98 2.50 -23.34
CA THR C 77 -2.69 3.16 -23.45
C THR C 77 -2.18 3.73 -22.13
N GLU C 78 -3.05 4.40 -21.38
CA GLU C 78 -2.68 4.98 -20.10
C GLU C 78 -2.38 3.89 -19.06
N ALA C 79 -3.23 2.87 -19.02
CA ALA C 79 -3.04 1.77 -18.08
C ALA C 79 -1.69 1.11 -18.35
N GLN C 80 -1.40 0.90 -19.63
CA GLN C 80 -0.15 0.28 -20.05
C GLN C 80 1.07 1.09 -19.62
N LEU C 81 1.00 2.40 -19.79
CA LEU C 81 2.11 3.27 -19.41
C LEU C 81 2.33 3.26 -17.90
N LEU C 82 1.24 3.23 -17.15
CA LEU C 82 1.33 3.22 -15.68
C LEU C 82 2.09 1.99 -15.19
N CYS C 83 1.79 0.82 -15.75
CA CYS C 83 2.46 -0.39 -15.34
C CYS C 83 3.93 -0.38 -15.76
N THR C 84 4.19 0.03 -17.00
CA THR C 84 5.56 0.09 -17.50
C THR C 84 6.44 1.02 -16.67
N GLN C 85 5.93 2.20 -16.35
CA GLN C 85 6.69 3.17 -15.56
C GLN C 85 6.93 2.67 -14.14
N ALA C 86 6.08 1.76 -13.69
CA ALA C 86 6.20 1.20 -12.35
C ALA C 86 7.17 0.02 -12.31
N GLY C 87 7.73 -0.32 -13.48
CA GLY C 87 8.67 -1.41 -13.54
C GLY C 87 8.02 -2.77 -13.76
N GLY C 88 6.77 -2.77 -14.21
CA GLY C 88 6.07 -4.01 -14.45
C GLY C 88 5.36 -3.91 -15.80
N GLN C 89 4.22 -4.57 -15.90
CA GLN C 89 3.42 -4.52 -17.13
C GLN C 89 2.00 -4.94 -16.80
N LEU C 90 1.09 -4.73 -17.74
CA LEU C 90 -0.30 -5.10 -17.52
C LEU C 90 -0.41 -6.59 -17.23
N ALA C 91 -1.41 -6.95 -16.43
CA ALA C 91 -1.64 -8.34 -16.07
C ALA C 91 -1.58 -9.24 -17.29
N SER C 92 -0.79 -10.30 -17.20
CA SER C 92 -0.61 -11.25 -18.30
C SER C 92 -0.72 -12.69 -17.80
N PRO C 93 -1.94 -13.15 -17.49
CA PRO C 93 -2.10 -14.53 -17.00
C PRO C 93 -1.65 -15.56 -18.03
N ARG C 94 -0.74 -16.44 -17.62
CA ARG C 94 -0.18 -17.47 -18.50
C ARG C 94 -0.59 -18.89 -18.14
N SER C 95 -1.54 -19.01 -17.22
CA SER C 95 -2.04 -20.32 -16.82
C SER C 95 -3.36 -20.17 -16.11
N ALA C 96 -4.05 -21.29 -15.91
CA ALA C 96 -5.34 -21.27 -15.23
C ALA C 96 -5.14 -20.74 -13.81
N ALA C 97 -4.01 -21.09 -13.20
CA ALA C 97 -3.70 -20.65 -11.85
C ALA C 97 -3.53 -19.14 -11.75
N GLU C 98 -2.80 -18.56 -12.70
CA GLU C 98 -2.60 -17.11 -12.68
C GLU C 98 -3.91 -16.40 -12.99
N ASN C 99 -4.68 -16.96 -13.92
CA ASN C 99 -5.95 -16.35 -14.29
C ASN C 99 -6.90 -16.30 -13.10
N ALA C 100 -6.91 -17.36 -12.30
CA ALA C 100 -7.77 -17.42 -11.12
C ALA C 100 -7.35 -16.39 -10.08
N ALA C 101 -6.05 -16.19 -9.92
CA ALA C 101 -5.55 -15.22 -8.96
C ALA C 101 -5.99 -13.83 -9.42
N LEU C 102 -5.78 -13.54 -10.70
CA LEU C 102 -6.18 -12.25 -11.25
C LEU C 102 -7.68 -12.06 -11.08
N GLN C 103 -8.43 -13.11 -11.32
CA GLN C 103 -9.88 -13.05 -11.21
C GLN C 103 -10.32 -12.60 -9.81
N GLN C 104 -9.57 -12.99 -8.79
CA GLN C 104 -9.92 -12.59 -7.41
C GLN C 104 -9.94 -11.07 -7.24
N LEU C 105 -8.99 -10.38 -7.86
CA LEU C 105 -8.93 -8.93 -7.76
C LEU C 105 -10.08 -8.28 -8.52
N VAL C 106 -10.39 -8.82 -9.70
CA VAL C 106 -11.48 -8.30 -10.51
C VAL C 106 -12.80 -8.44 -9.74
N VAL C 107 -13.00 -9.60 -9.13
CA VAL C 107 -14.21 -9.86 -8.35
C VAL C 107 -14.26 -8.93 -7.15
N ALA C 108 -13.12 -8.79 -6.47
CA ALA C 108 -13.03 -7.94 -5.29
C ALA C 108 -13.40 -6.49 -5.60
N LYS C 109 -12.98 -5.99 -6.75
CA LYS C 109 -13.29 -4.61 -7.12
C LYS C 109 -14.54 -4.53 -7.99
N ASN C 110 -15.08 -5.69 -8.36
CA ASN C 110 -16.26 -5.78 -9.19
C ASN C 110 -16.12 -4.91 -10.44
N GLU C 111 -14.93 -4.95 -11.04
CA GLU C 111 -14.65 -4.18 -12.25
C GLU C 111 -13.76 -4.95 -13.20
N ALA C 112 -14.23 -5.16 -14.43
CA ALA C 112 -13.44 -5.87 -15.43
C ALA C 112 -12.11 -5.15 -15.61
N ALA C 113 -11.05 -5.91 -15.88
CA ALA C 113 -9.72 -5.33 -16.05
C ALA C 113 -9.08 -5.62 -17.40
N PHE C 114 -8.13 -4.75 -17.78
CA PHE C 114 -7.40 -4.94 -19.03
C PHE C 114 -6.26 -5.92 -18.84
N LEU C 115 -5.98 -6.69 -19.88
CA LEU C 115 -4.85 -7.61 -19.86
C LEU C 115 -3.81 -6.89 -20.73
N SER C 116 -2.60 -7.43 -20.82
CA SER C 116 -1.56 -6.78 -21.61
C SER C 116 -1.59 -7.08 -23.09
N MET C 117 -2.25 -8.18 -23.45
CA MET C 117 -2.29 -8.64 -24.83
C MET C 117 -3.20 -7.89 -25.81
N THR C 118 -2.74 -7.78 -27.05
CA THR C 118 -3.51 -7.08 -28.09
C THR C 118 -3.21 -7.68 -29.46
N ASP C 119 -4.09 -7.43 -30.42
CA ASP C 119 -3.89 -7.91 -31.78
C ASP C 119 -3.81 -6.68 -32.68
N SER C 120 -3.20 -5.63 -32.15
CA SER C 120 -3.03 -4.36 -32.85
C SER C 120 -2.14 -4.48 -34.08
N LYS C 121 -1.09 -5.29 -33.97
CA LYS C 121 -0.16 -5.48 -35.08
C LYS C 121 -0.80 -6.28 -36.21
N THR C 122 -1.32 -7.44 -35.88
CA THR C 122 -1.96 -8.31 -36.86
C THR C 122 -3.35 -8.72 -36.37
N GLU C 123 -4.38 -8.14 -36.99
CA GLU C 123 -5.76 -8.44 -36.60
C GLU C 123 -6.01 -9.94 -36.57
N GLY C 124 -6.62 -10.41 -35.49
CA GLY C 124 -6.92 -11.82 -35.35
C GLY C 124 -5.83 -12.63 -34.67
N LYS C 125 -4.73 -11.97 -34.32
CA LYS C 125 -3.63 -12.67 -33.66
C LYS C 125 -3.15 -11.88 -32.44
N PHE C 126 -3.56 -12.33 -31.26
CA PHE C 126 -3.17 -11.67 -30.02
C PHE C 126 -1.80 -12.07 -29.54
N THR C 127 -1.05 -11.10 -29.04
CA THR C 127 0.30 -11.34 -28.56
C THR C 127 0.59 -10.52 -27.31
N TYR C 128 1.63 -10.95 -26.59
CA TYR C 128 2.06 -10.26 -25.38
C TYR C 128 2.82 -9.01 -25.85
N PRO C 129 3.13 -8.09 -24.93
CA PRO C 129 3.85 -6.86 -25.30
C PRO C 129 5.15 -7.13 -26.06
N THR C 130 5.76 -8.28 -25.79
CA THR C 130 7.02 -8.65 -26.45
C THR C 130 6.81 -9.08 -27.89
N GLY C 131 5.57 -9.43 -28.23
CA GLY C 131 5.28 -9.86 -29.59
C GLY C 131 5.08 -11.36 -29.67
N GLU C 132 5.32 -12.03 -28.54
CA GLU C 132 5.17 -13.47 -28.45
C GLU C 132 3.69 -13.87 -28.51
N SER C 133 3.41 -15.02 -29.11
CA SER C 133 2.04 -15.52 -29.21
C SER C 133 1.59 -16.03 -27.86
N LEU C 134 0.27 -16.08 -27.65
CA LEU C 134 -0.29 -16.53 -26.37
C LEU C 134 0.01 -17.99 -26.06
N VAL C 135 0.33 -18.26 -24.80
CA VAL C 135 0.63 -19.62 -24.36
C VAL C 135 -0.54 -20.16 -23.55
N TYR C 136 -1.52 -19.29 -23.32
CA TYR C 136 -2.74 -19.61 -22.58
C TYR C 136 -3.81 -18.58 -22.93
N SER C 137 -5.07 -19.02 -22.91
CA SER C 137 -6.19 -18.12 -23.19
C SER C 137 -7.43 -18.64 -22.47
N ASN C 138 -8.36 -17.75 -22.16
CA ASN C 138 -9.59 -18.14 -21.48
C ASN C 138 -10.75 -17.33 -22.04
N TRP C 139 -10.83 -17.30 -23.37
CA TRP C 139 -11.86 -16.55 -24.09
C TRP C 139 -13.29 -17.02 -23.78
N ALA C 140 -14.18 -16.05 -23.64
CA ALA C 140 -15.59 -16.34 -23.41
C ALA C 140 -16.09 -16.88 -24.75
N PRO C 141 -17.26 -17.54 -24.74
CA PRO C 141 -17.83 -18.09 -25.98
C PRO C 141 -17.98 -17.06 -27.10
N GLY C 142 -17.44 -17.38 -28.27
CA GLY C 142 -17.54 -16.49 -29.41
C GLY C 142 -16.45 -15.42 -29.52
N GLU C 143 -15.63 -15.28 -28.48
CA GLU C 143 -14.57 -14.28 -28.48
C GLU C 143 -13.25 -14.92 -28.86
N PRO C 144 -12.32 -14.14 -29.43
CA PRO C 144 -12.45 -12.70 -29.75
C PRO C 144 -13.26 -12.51 -31.02
N ASN C 145 -14.03 -11.43 -31.10
CA ASN C 145 -14.87 -11.19 -32.27
C ASN C 145 -14.70 -9.84 -32.96
N ASP C 146 -13.70 -9.07 -32.54
CA ASP C 146 -13.43 -7.76 -33.13
C ASP C 146 -14.73 -7.03 -33.44
N ASP C 147 -15.60 -6.95 -32.45
CA ASP C 147 -16.90 -6.30 -32.60
C ASP C 147 -16.79 -4.87 -33.14
N GLY C 148 -17.58 -4.57 -34.16
CA GLY C 148 -17.55 -3.25 -34.76
C GLY C 148 -16.28 -3.02 -35.53
N GLY C 149 -15.46 -4.06 -35.64
CA GLY C 149 -14.19 -3.97 -36.35
C GLY C 149 -13.18 -3.09 -35.65
N SER C 150 -13.30 -2.98 -34.32
CA SER C 150 -12.38 -2.13 -33.57
C SER C 150 -12.04 -2.59 -32.15
N GLU C 151 -11.89 -3.89 -31.95
CA GLU C 151 -11.53 -4.40 -30.63
C GLU C 151 -10.19 -5.10 -30.71
N ASP C 152 -9.15 -4.42 -30.23
CA ASP C 152 -7.81 -4.97 -30.26
C ASP C 152 -7.20 -5.19 -28.88
N CYS C 153 -7.96 -4.86 -27.84
CA CYS C 153 -7.51 -5.05 -26.47
C CYS C 153 -8.31 -6.17 -25.81
N VAL C 154 -7.89 -6.61 -24.63
CA VAL C 154 -8.57 -7.71 -23.95
C VAL C 154 -8.94 -7.36 -22.51
N GLU C 155 -10.14 -7.75 -22.12
CA GLU C 155 -10.60 -7.51 -20.75
C GLU C 155 -10.95 -8.86 -20.12
N ILE C 156 -10.79 -8.94 -18.80
CA ILE C 156 -11.14 -10.17 -18.08
C ILE C 156 -12.33 -9.80 -17.21
N PHE C 157 -13.37 -10.64 -17.25
CA PHE C 157 -14.60 -10.42 -16.48
C PHE C 157 -14.49 -11.02 -15.08
N THR C 158 -15.50 -10.75 -14.25
CA THR C 158 -15.53 -11.28 -12.88
C THR C 158 -15.63 -12.80 -12.90
N ASN C 159 -16.06 -13.38 -14.02
CA ASN C 159 -16.15 -14.83 -14.12
C ASN C 159 -14.84 -15.43 -14.63
N GLY C 160 -13.86 -14.57 -14.86
CA GLY C 160 -12.55 -15.01 -15.30
C GLY C 160 -12.35 -15.12 -16.80
N LYS C 161 -13.44 -15.14 -17.55
CA LYS C 161 -13.38 -15.25 -19.00
C LYS C 161 -12.91 -13.96 -19.66
N TRP C 162 -12.32 -14.10 -20.86
CA TRP C 162 -11.80 -12.96 -21.60
C TRP C 162 -12.69 -12.53 -22.75
N ASN C 163 -12.60 -11.25 -23.11
CA ASN C 163 -13.35 -10.68 -24.22
C ASN C 163 -12.51 -9.57 -24.83
N ASP C 164 -12.44 -9.51 -26.16
CA ASP C 164 -11.67 -8.44 -26.77
C ASP C 164 -12.55 -7.20 -26.74
N ARG C 165 -11.94 -6.07 -26.41
CA ARG C 165 -12.67 -4.81 -26.29
C ARG C 165 -11.88 -3.66 -26.90
N ALA C 166 -12.56 -2.55 -27.19
CA ALA C 166 -11.93 -1.38 -27.76
C ALA C 166 -10.94 -0.85 -26.74
N CYS C 167 -9.74 -0.53 -27.20
CA CYS C 167 -8.69 -0.03 -26.31
C CYS C 167 -9.02 1.32 -25.68
N GLY C 168 -9.98 2.04 -26.28
CA GLY C 168 -10.36 3.33 -25.76
C GLY C 168 -11.25 3.29 -24.52
N GLU C 169 -11.84 2.13 -24.25
CA GLU C 169 -12.70 1.97 -23.09
C GLU C 169 -11.83 2.00 -21.83
N LYS C 170 -12.42 2.37 -20.71
CA LYS C 170 -11.70 2.44 -19.44
C LYS C 170 -11.98 1.19 -18.62
N ARG C 171 -10.92 0.52 -18.17
CA ARG C 171 -11.06 -0.69 -17.39
C ARG C 171 -10.11 -0.66 -16.21
N LEU C 172 -10.33 -1.55 -15.25
CA LEU C 172 -9.50 -1.64 -14.05
C LEU C 172 -8.04 -1.85 -14.44
N VAL C 173 -7.16 -1.08 -13.81
CA VAL C 173 -5.73 -1.19 -14.06
C VAL C 173 -5.13 -2.20 -13.08
N VAL C 174 -4.56 -3.27 -13.63
CA VAL C 174 -3.94 -4.30 -12.81
C VAL C 174 -2.58 -4.59 -13.41
N CYS C 175 -1.53 -4.40 -12.62
CA CYS C 175 -0.18 -4.65 -13.12
C CYS C 175 0.38 -5.93 -12.51
N GLU C 176 1.42 -6.47 -13.12
CA GLU C 176 2.06 -7.66 -12.60
C GLU C 176 3.53 -7.36 -12.40
N PHE C 177 4.07 -7.90 -11.31
CA PHE C 177 5.47 -7.72 -10.93
C PHE C 177 6.08 -9.07 -10.61
#